data_1HR2
#
_entry.id   1HR2
#
_cell.length_a   75.300
_cell.length_b   125.400
_cell.length_c   145.700
_cell.angle_alpha   90.00
_cell.angle_beta   90.00
_cell.angle_gamma   90.00
#
_symmetry.space_group_name_H-M   'P 21 21 21'
#
loop_
_entity.id
_entity.type
_entity.pdbx_description
1 polymer 'P4-P6 DELC209 MUTANT RNA RIBOZYME DOMAIN'
2 non-polymer 'MAGNESIUM ION'
3 water water
#
_entity_poly.entity_id   1
_entity_poly.type   'polyribonucleotide'
_entity_poly.pdbx_seq_one_letter_code
;GGAAUUGCGGGAAAGGGGUCAACAGCCGUUCAGUACCAAGUCUCAGGGGAAACUUUGAGAUGGCCUUGCAAAGGGUAUGG
UAAUAAGCUGACGGACAUGGUCCUAACACGCAGCCAAGUCCUAAGUCAACAGAUCUUCUGUUGAUAUGGAUGCAGUUC
;
_entity_poly.pdbx_strand_id   A,B
#
loop_
_chem_comp.id
_chem_comp.type
_chem_comp.name
_chem_comp.formula
A RNA linking ADENOSINE-5'-MONOPHOSPHATE 'C10 H14 N5 O7 P'
C RNA linking CYTIDINE-5'-MONOPHOSPHATE 'C9 H14 N3 O8 P'
G RNA linking GUANOSINE-5'-MONOPHOSPHATE 'C10 H14 N5 O8 P'
MG non-polymer 'MAGNESIUM ION' 'Mg 2'
U RNA linking URIDINE-5'-MONOPHOSPHATE 'C9 H13 N2 O9 P'
#
# COMPACT_ATOMS: atom_id res chain seq x y z
MG MG C . 13.50 -17.34 -18.75
MG MG D . -9.19 -23.03 -21.55
MG MG E . 3.92 -3.02 4.94
MG MG F . -2.02 -27.88 -5.64
MG MG G . -0.90 -4.88 8.47
MG MG H . 19.47 -5.64 -8.60
MG MG I . 17.81 8.33 39.42
MG MG J . 4.50 -11.90 -6.78
MG MG K . 15.99 -14.34 -3.37
MG MG L . 6.79 11.78 -6.11
MG MG M . 16.79 -0.94 7.78
MG MG N . 20.95 -1.87 9.69
MG MG O . 17.36 5.77 -5.53
MG MG P . 7.36 4.36 6.95
MG MG Q . 4.39 8.11 -2.60
MG MG R . 13.73 5.95 10.14
MG MG S . 16.00 7.83 26.04
MG MG T . 12.45 3.68 35.40
MG MG U . 25.28 13.00 19.15
MG MG V . 13.70 -10.90 -9.84
MG MG W . -7.66 -34.03 -27.43
MG MG X . 25.90 12.40 6.26
MG MG Y . 13.36 -4.31 23.82
MG MG Z . 29.19 18.60 26.27
MG MG AA . -5.87 26.61 -15.30
MG MG BA . 12.33 29.44 1.89
MG MG CA . -12.20 2.71 -1.40
MG MG DA . -15.53 9.06 6.41
MG MG EA . -3.33 -5.43 -15.29
MG MG FA . -22.05 1.96 -7.18
MG MG GA . -26.75 2.63 -8.21
MG MG HA . -12.91 1.52 -19.09
MG MG IA . -13.52 -3.89 -4.30
MG MG JA . -4.61 -3.89 -10.06
MG MG KA . -20.14 -5.53 -6.45
MG MG LA . -31.95 -6.00 3.65
MG MG MA . -31.94 -13.46 1.29
MG MG NA . -35.75 -12.85 11.33
MG MG OA . -33.99 -13.98 -11.36
MG MG PA . -10.08 17.30 -12.40
MG MG QA . 13.51 41.65 0.02
MG MG RA . -23.91 -7.60 -21.64
#